data_1DNG
# 
_entry.id   1DNG 
# 
_audit_conform.dict_name       mmcif_pdbx.dic 
_audit_conform.dict_version    5.390 
_audit_conform.dict_location   http://mmcif.pdb.org/dictionaries/ascii/mmcif_pdbx.dic 
# 
loop_
_database_2.database_id 
_database_2.database_code 
_database_2.pdbx_database_accession 
_database_2.pdbx_DOI 
PDB   1DNG         pdb_00001dng 10.2210/pdb1dng/pdb 
RCSB  RCSB010225   ?            ?                   
WWPDB D_1000010225 ?            ?                   
# 
loop_
_pdbx_audit_revision_history.ordinal 
_pdbx_audit_revision_history.data_content_type 
_pdbx_audit_revision_history.major_revision 
_pdbx_audit_revision_history.minor_revision 
_pdbx_audit_revision_history.revision_date 
1 'Structure model' 1 0 2000-01-12 
2 'Structure model' 1 1 2008-04-27 
3 'Structure model' 1 2 2011-07-13 
4 'Structure model' 1 3 2018-03-14 
5 'Structure model' 1 4 2018-08-29 
6 'Structure model' 1 5 2024-04-10 
# 
_pdbx_audit_revision_details.ordinal             1 
_pdbx_audit_revision_details.revision_ordinal    1 
_pdbx_audit_revision_details.data_content_type   'Structure model' 
_pdbx_audit_revision_details.provider            repository 
_pdbx_audit_revision_details.type                'Initial release' 
_pdbx_audit_revision_details.description         ? 
_pdbx_audit_revision_details.details             ? 
# 
loop_
_pdbx_audit_revision_group.ordinal 
_pdbx_audit_revision_group.revision_ordinal 
_pdbx_audit_revision_group.data_content_type 
_pdbx_audit_revision_group.group 
1 2 'Structure model' 'Version format compliance' 
2 3 'Structure model' 'Version format compliance' 
3 4 'Structure model' 'Database references'       
4 4 'Structure model' 'Derived calculations'      
5 5 'Structure model' 'Data collection'           
6 5 'Structure model' 'Source and taxonomy'       
7 5 'Structure model' 'Structure summary'         
8 6 'Structure model' 'Data collection'           
9 6 'Structure model' 'Database references'       
# 
loop_
_pdbx_audit_revision_category.ordinal 
_pdbx_audit_revision_category.revision_ordinal 
_pdbx_audit_revision_category.data_content_type 
_pdbx_audit_revision_category.category 
1  4 'Structure model' pdbx_struct_assembly  
2  4 'Structure model' pdbx_struct_oper_list 
3  4 'Structure model' struct_ref_seq_dif    
4  5 'Structure model' entity                
5  5 'Structure model' entity_src_nat        
6  5 'Structure model' pdbx_entity_src_syn   
7  5 'Structure model' struct                
8  6 'Structure model' chem_comp_atom        
9  6 'Structure model' chem_comp_bond        
10 6 'Structure model' database_2            
11 6 'Structure model' struct_ref_seq_dif    
# 
loop_
_pdbx_audit_revision_item.ordinal 
_pdbx_audit_revision_item.revision_ordinal 
_pdbx_audit_revision_item.data_content_type 
_pdbx_audit_revision_item.item 
1 4 'Structure model' '_struct_ref_seq_dif.details'         
2 5 'Structure model' '_entity.pdbx_description'            
3 5 'Structure model' '_entity.src_method'                  
4 5 'Structure model' '_struct.pdbx_descriptor'             
5 6 'Structure model' '_database_2.pdbx_DOI'                
6 6 'Structure model' '_database_2.pdbx_database_accession' 
7 6 'Structure model' '_struct_ref_seq_dif.details'         
# 
_pdbx_database_status.status_code                     REL 
_pdbx_database_status.entry_id                        1DNG 
_pdbx_database_status.recvd_initial_deposition_date   1999-12-16 
_pdbx_database_status.deposit_site                    RCSB 
_pdbx_database_status.process_site                    RCSB 
_pdbx_database_status.status_code_mr                  REL 
_pdbx_database_status.SG_entry                        . 
_pdbx_database_status.pdb_format_compatible           Y 
_pdbx_database_status.status_code_sf                  ? 
_pdbx_database_status.status_code_cs                  ? 
_pdbx_database_status.methods_development_category    ? 
_pdbx_database_status.status_code_nmr_data            ? 
# 
loop_
_pdbx_database_related.db_name 
_pdbx_database_related.db_id 
_pdbx_database_related.details 
_pdbx_database_related.content_type 
PDB 1RHP 'HUMAN PLATELET FACTOR 4, SEGMENT 56-70'              unspecified 
PDB 1DJF 'MODEL HYDROPHILIC AMPHIPATHIC HELICAL BASIC PEPTIDE' unspecified 
PDB 1DN3 'MODEL HYDROPHILIC AMPHIPATHIC HELICAL BASIC PEPTIDE' unspecified 
# 
loop_
_audit_author.name 
_audit_author.pdbx_ordinal 
_audit_author.identifier_ORCID 
'montserret, R.' 1 ? 
'McLeish, M.J.'  2 ? 
'Bockmann, A.'   3 ? 
'Geourjon, C.'   4 ? 
'Penin, F.'      5 ? 
# 
_citation.id                        primary 
_citation.title                     
'Involvement of electrostatic interactions in the mechanism of peptide folding induced by sodium dodecyl sulfate binding.' 
_citation.journal_abbrev            Biochemistry 
_citation.journal_volume            39 
_citation.page_first                8362 
_citation.page_last                 8373 
_citation.year                      2000 
_citation.journal_id_ASTM           BICHAW 
_citation.country                   US 
_citation.journal_id_ISSN           0006-2960 
_citation.journal_id_CSD            0033 
_citation.book_publisher            ? 
_citation.pdbx_database_id_PubMed   10913242 
_citation.pdbx_database_id_DOI      10.1021/bi000208x 
# 
loop_
_citation_author.citation_id 
_citation_author.name 
_citation_author.ordinal 
_citation_author.identifier_ORCID 
primary 'Montserret, R.' 1 ? 
primary 'McLeish, M.J.'  2 ? 
primary 'Bockmann, A.'   3 ? 
primary 'Geourjon, C.'   4 ? 
primary 'Penin, F.'      5 ? 
# 
_entity.id                         1 
_entity.type                       polymer 
_entity.src_method                 syn 
_entity.pdbx_description           'HUMAN PLATELET FACTOR 4, SEGMENT 59-73' 
_entity.formula_weight             1607.692 
_entity.pdbx_number_of_molecules   1 
_entity.pdbx_ec                    ? 
_entity.pdbx_mutation              'L62A, K64E, K65E, I66A, I67A, K68E, K69E, L71A, E72K' 
_entity.pdbx_fragment              'HUMAN PLATELET FACTOR 4, SEGMENT 59-73' 
_entity.details                    'CHEMICALLY SYNTHESIZED' 
# 
_entity_keywords.entity_id   1 
_entity_keywords.text        'CHEMICALLY SYNTHESIZED' 
# 
_entity_poly.entity_id                      1 
_entity_poly.type                           'polypeptide(L)' 
_entity_poly.nstd_linkage                   no 
_entity_poly.nstd_monomer                   no 
_entity_poly.pdbx_seq_one_letter_code       QAPAYEEAAEELAKS 
_entity_poly.pdbx_seq_one_letter_code_can   QAPAYEEAAEELAKS 
_entity_poly.pdbx_strand_id                 A 
_entity_poly.pdbx_target_identifier         ? 
# 
loop_
_entity_poly_seq.entity_id 
_entity_poly_seq.num 
_entity_poly_seq.mon_id 
_entity_poly_seq.hetero 
1 1  GLN n 
1 2  ALA n 
1 3  PRO n 
1 4  ALA n 
1 5  TYR n 
1 6  GLU n 
1 7  GLU n 
1 8  ALA n 
1 9  ALA n 
1 10 GLU n 
1 11 GLU n 
1 12 LEU n 
1 13 ALA n 
1 14 LYS n 
1 15 SER n 
# 
_pdbx_entity_src_syn.entity_id              1 
_pdbx_entity_src_syn.pdbx_src_id            1 
_pdbx_entity_src_syn.pdbx_alt_source_flag   sample 
_pdbx_entity_src_syn.pdbx_beg_seq_num       ? 
_pdbx_entity_src_syn.pdbx_end_seq_num       ? 
_pdbx_entity_src_syn.organism_scientific    'Homo sapiens' 
_pdbx_entity_src_syn.organism_common_name   human 
_pdbx_entity_src_syn.ncbi_taxonomy_id       9606 
_pdbx_entity_src_syn.details                ? 
# 
loop_
_chem_comp.id 
_chem_comp.type 
_chem_comp.mon_nstd_flag 
_chem_comp.name 
_chem_comp.pdbx_synonyms 
_chem_comp.formula 
_chem_comp.formula_weight 
ALA 'L-peptide linking' y ALANINE         ? 'C3 H7 N O2'     89.093  
GLN 'L-peptide linking' y GLUTAMINE       ? 'C5 H10 N2 O3'   146.144 
GLU 'L-peptide linking' y 'GLUTAMIC ACID' ? 'C5 H9 N O4'     147.129 
ILE 'L-peptide linking' y ISOLEUCINE      ? 'C6 H13 N O2'    131.173 
LEU 'L-peptide linking' y LEUCINE         ? 'C6 H13 N O2'    131.173 
LYS 'L-peptide linking' y LYSINE          ? 'C6 H15 N2 O2 1' 147.195 
PRO 'L-peptide linking' y PROLINE         ? 'C5 H9 N O2'     115.130 
SER 'L-peptide linking' y SERINE          ? 'C3 H7 N O3'     105.093 
TYR 'L-peptide linking' y TYROSINE        ? 'C9 H11 N O3'    181.189 
# 
loop_
_pdbx_poly_seq_scheme.asym_id 
_pdbx_poly_seq_scheme.entity_id 
_pdbx_poly_seq_scheme.seq_id 
_pdbx_poly_seq_scheme.mon_id 
_pdbx_poly_seq_scheme.ndb_seq_num 
_pdbx_poly_seq_scheme.pdb_seq_num 
_pdbx_poly_seq_scheme.auth_seq_num 
_pdbx_poly_seq_scheme.pdb_mon_id 
_pdbx_poly_seq_scheme.auth_mon_id 
_pdbx_poly_seq_scheme.pdb_strand_id 
_pdbx_poly_seq_scheme.pdb_ins_code 
_pdbx_poly_seq_scheme.hetero 
A 1 1  GLN 1  1  1  GLN GLN A . n 
A 1 2  ALA 2  2  2  ALA ALA A . n 
A 1 3  PRO 3  3  3  PRO PRO A . n 
A 1 4  ALA 4  4  4  ALA ALA A . n 
A 1 5  TYR 5  5  5  TYR TYR A . n 
A 1 6  GLU 6  6  6  GLU GLU A . n 
A 1 7  GLU 7  7  7  GLU GLU A . n 
A 1 8  ALA 8  8  8  ALA ALA A . n 
A 1 9  ALA 9  9  9  ALA ALA A . n 
A 1 10 GLU 10 10 10 GLU GLU A . n 
A 1 11 GLU 11 11 11 GLU GLU A . n 
A 1 12 LEU 12 12 12 LEU LEU A . n 
A 1 13 ALA 13 13 13 ALA ALA A . n 
A 1 14 LYS 14 14 14 LYS LYS A . n 
A 1 15 SER 15 15 15 SER SER A . n 
# 
_cell.entry_id           1DNG 
_cell.length_a           1.000 
_cell.length_b           1.000 
_cell.length_c           1.000 
_cell.angle_alpha        90.00 
_cell.angle_beta         90.00 
_cell.angle_gamma        90.00 
_cell.Z_PDB              1 
_cell.pdbx_unique_axis   ? 
# 
_symmetry.entry_id                         1DNG 
_symmetry.space_group_name_H-M             'P 1' 
_symmetry.pdbx_full_space_group_name_H-M   ? 
_symmetry.cell_setting                     ? 
_symmetry.Int_Tables_number                1 
# 
_exptl.entry_id          1DNG 
_exptl.method            'SOLUTION NMR' 
_exptl.crystals_number   ? 
# 
_struct.entry_id                  1DNG 
_struct.title                     'NMR STRUCTURE OF A MODEL HYDROPHILIC AMPHIPATHIC HELICAL ACIDIC PEPTIDE' 
_struct.pdbx_model_details        ? 
_struct.pdbx_CASP_flag            ? 
_struct.pdbx_model_type_details   'minimized average' 
# 
_struct_keywords.entry_id        1DNG 
_struct_keywords.pdbx_keywords   'DE NOVO PROTEIN' 
_struct_keywords.text            'HYDROPHILIC AMPHIPATHIC ACIDIC HELIX PEPTIDE MODEL, DE NOVO PROTEIN' 
# 
_struct_asym.id                            A 
_struct_asym.pdbx_blank_PDB_chainid_flag   N 
_struct_asym.pdbx_modified                 N 
_struct_asym.entity_id                     1 
_struct_asym.details                       ? 
# 
_struct_ref.id                         1 
_struct_ref.db_name                    GB 
_struct_ref.db_code                    SYNRPF4A 
_struct_ref.entity_id                  1 
_struct_ref.pdbx_db_accession          209286 
_struct_ref.pdbx_align_begin           ? 
_struct_ref.pdbx_seq_one_letter_code   ? 
_struct_ref.pdbx_db_isoform            ? 
# 
_struct_ref_seq.align_id                      1 
_struct_ref_seq.ref_id                        1 
_struct_ref_seq.pdbx_PDB_id_code              1DNG 
_struct_ref_seq.pdbx_strand_id                A 
_struct_ref_seq.seq_align_beg                 1 
_struct_ref_seq.pdbx_seq_align_beg_ins_code   ? 
_struct_ref_seq.seq_align_end                 15 
_struct_ref_seq.pdbx_seq_align_end_ins_code   ? 
_struct_ref_seq.pdbx_db_accession             209286 
_struct_ref_seq.db_align_beg                  59 
_struct_ref_seq.pdbx_db_align_beg_ins_code    ? 
_struct_ref_seq.db_align_end                  73 
_struct_ref_seq.pdbx_db_align_end_ins_code    ? 
_struct_ref_seq.pdbx_auth_seq_align_beg       1 
_struct_ref_seq.pdbx_auth_seq_align_end       15 
# 
loop_
_struct_ref_seq_dif.align_id 
_struct_ref_seq_dif.pdbx_pdb_id_code 
_struct_ref_seq_dif.mon_id 
_struct_ref_seq_dif.pdbx_pdb_strand_id 
_struct_ref_seq_dif.seq_num 
_struct_ref_seq_dif.pdbx_pdb_ins_code 
_struct_ref_seq_dif.pdbx_seq_db_name 
_struct_ref_seq_dif.pdbx_seq_db_accession_code 
_struct_ref_seq_dif.db_mon_id 
_struct_ref_seq_dif.pdbx_seq_db_seq_num 
_struct_ref_seq_dif.details 
_struct_ref_seq_dif.pdbx_auth_seq_num 
_struct_ref_seq_dif.pdbx_ordinal 
1 1DNG ALA A 4  ? GB 209286 LEU 62 'engineered mutation' 4  1 
1 1DNG GLU A 6  ? GB 209286 LYS 64 'engineered mutation' 6  2 
1 1DNG GLU A 7  ? GB 209286 LYS 65 'engineered mutation' 7  3 
1 1DNG ALA A 8  ? GB 209286 ILE 66 'engineered mutation' 8  4 
1 1DNG ALA A 9  ? GB 209286 ILE 67 'engineered mutation' 9  5 
1 1DNG GLU A 10 ? GB 209286 LYS 68 'engineered mutation' 10 6 
1 1DNG GLU A 11 ? GB 209286 LYS 69 'engineered mutation' 11 7 
1 1DNG ALA A 13 ? GB 209286 LEU 71 'engineered mutation' 13 8 
1 1DNG LYS A 14 ? GB 209286 GLU 72 'engineered mutation' 14 9 
# 
_pdbx_struct_assembly.id                   1 
_pdbx_struct_assembly.details              author_defined_assembly 
_pdbx_struct_assembly.method_details       ? 
_pdbx_struct_assembly.oligomeric_details   monomeric 
_pdbx_struct_assembly.oligomeric_count     1 
# 
_pdbx_struct_assembly_gen.assembly_id       1 
_pdbx_struct_assembly_gen.oper_expression   1 
_pdbx_struct_assembly_gen.asym_id_list      A 
# 
_pdbx_struct_oper_list.id                   1 
_pdbx_struct_oper_list.type                 'identity operation' 
_pdbx_struct_oper_list.name                 1_555 
_pdbx_struct_oper_list.symmetry_operation   ? 
_pdbx_struct_oper_list.matrix[1][1]         1.0000000000 
_pdbx_struct_oper_list.matrix[1][2]         0.0000000000 
_pdbx_struct_oper_list.matrix[1][3]         0.0000000000 
_pdbx_struct_oper_list.vector[1]            0.0000000000 
_pdbx_struct_oper_list.matrix[2][1]         0.0000000000 
_pdbx_struct_oper_list.matrix[2][2]         1.0000000000 
_pdbx_struct_oper_list.matrix[2][3]         0.0000000000 
_pdbx_struct_oper_list.vector[2]            0.0000000000 
_pdbx_struct_oper_list.matrix[3][1]         0.0000000000 
_pdbx_struct_oper_list.matrix[3][2]         0.0000000000 
_pdbx_struct_oper_list.matrix[3][3]         1.0000000000 
_pdbx_struct_oper_list.vector[3]            0.0000000000 
# 
_struct_conf.conf_type_id            HELX_P 
_struct_conf.id                      HELX_P1 
_struct_conf.pdbx_PDB_helix_id       1 
_struct_conf.beg_label_comp_id       TYR 
_struct_conf.beg_label_asym_id       A 
_struct_conf.beg_label_seq_id        5 
_struct_conf.pdbx_beg_PDB_ins_code   ? 
_struct_conf.end_label_comp_id       LYS 
_struct_conf.end_label_asym_id       A 
_struct_conf.end_label_seq_id        14 
_struct_conf.pdbx_end_PDB_ins_code   ? 
_struct_conf.beg_auth_comp_id        TYR 
_struct_conf.beg_auth_asym_id        A 
_struct_conf.beg_auth_seq_id         5 
_struct_conf.end_auth_comp_id        LYS 
_struct_conf.end_auth_asym_id        A 
_struct_conf.end_auth_seq_id         14 
_struct_conf.pdbx_PDB_helix_class    1 
_struct_conf.details                 ? 
_struct_conf.pdbx_PDB_helix_length   10 
# 
_struct_conf_type.id          HELX_P 
_struct_conf_type.criteria    ? 
_struct_conf_type.reference   ? 
# 
_pdbx_validate_torsion.id              1 
_pdbx_validate_torsion.PDB_model_num   1 
_pdbx_validate_torsion.auth_comp_id    LYS 
_pdbx_validate_torsion.auth_asym_id    A 
_pdbx_validate_torsion.auth_seq_id     14 
_pdbx_validate_torsion.PDB_ins_code    ? 
_pdbx_validate_torsion.label_alt_id    ? 
_pdbx_validate_torsion.phi             -99.17 
_pdbx_validate_torsion.psi             55.45 
# 
_pdbx_nmr_ensemble.entry_id                                      1DNG 
_pdbx_nmr_ensemble.conformers_calculated_total_number            50 
_pdbx_nmr_ensemble.conformers_submitted_total_number             1 
_pdbx_nmr_ensemble.conformer_selection_criteria                  
;BACK CALCULATED DATA AGREE WITH EXPERIMENTAL NOESY SPECTRUM,STRUCTURES WITH THE LEAST RESTRAINT VIOLATIONS,STRUCTURES WITH THE LOWEST ENERGY
;
_pdbx_nmr_ensemble.average_constraints_per_residue               ? 
_pdbx_nmr_ensemble.average_constraint_violations_per_residue     ? 
_pdbx_nmr_ensemble.maximum_distance_constraint_violation         ? 
_pdbx_nmr_ensemble.average_distance_constraint_violation         ? 
_pdbx_nmr_ensemble.maximum_upper_distance_constraint_violation   ? 
_pdbx_nmr_ensemble.maximum_lower_distance_constraint_violation   ? 
_pdbx_nmr_ensemble.distance_constraint_violation_method          ? 
_pdbx_nmr_ensemble.maximum_torsion_angle_constraint_violation    ? 
_pdbx_nmr_ensemble.average_torsion_angle_constraint_violation    ? 
_pdbx_nmr_ensemble.torsion_angle_constraint_violation_method     ? 
# 
_pdbx_nmr_representative.entry_id             1DNG 
_pdbx_nmr_representative.conformer_id         1 
_pdbx_nmr_representative.selection_criteria   'minimized average structure' 
# 
_pdbx_nmr_sample_details.solution_id      1 
_pdbx_nmr_sample_details.contents         '10 MM SODIUM PHOSPHATE BUFFER PH 6.0' 
_pdbx_nmr_sample_details.solvent_system   ? 
# 
_pdbx_nmr_exptl_sample_conditions.conditions_id       1 
_pdbx_nmr_exptl_sample_conditions.temperature         293 
_pdbx_nmr_exptl_sample_conditions.pressure            AMBIENT 
_pdbx_nmr_exptl_sample_conditions.pH                  6.0 
_pdbx_nmr_exptl_sample_conditions.ionic_strength      10mM 
_pdbx_nmr_exptl_sample_conditions.pressure_units      ? 
_pdbx_nmr_exptl_sample_conditions.temperature_units   K 
# 
loop_
_pdbx_nmr_exptl.experiment_id 
_pdbx_nmr_exptl.conditions_id 
_pdbx_nmr_exptl.type 
_pdbx_nmr_exptl.solution_id 
1 1 NOESY               1 
2 1 'DQF COSY'          1 
3 1 TOCSY               1 
4 1 '1H-13C HSQC'       1 
5 1 '1H-13C HSQC TOCSY' 1 
# 
_pdbx_nmr_details.entry_id   1DNG 
_pdbx_nmr_details.text       'THIS STRUCTURE WAS DETERMINED USING STANDARD 2D HOMONUCLEAR AND 1H-13C HETERONUCLEAR METHODS' 
# 
_pdbx_nmr_refine.entry_id           1DNG 
_pdbx_nmr_refine.method             'DISTANCE GEOMETRY, SIMULATED ANNEALING, MOLECULAR DYNAMICS, ENENRGY MINIMIZATION' 
_pdbx_nmr_refine.details            
'THE STRUCTURE IS BASED ON 228 RESTRAINTS, 220 OF WICH ARE NOE DIRIVED DISTANCE CONSTRAINTS AND 8 ARE DIHEDRAL ANGLE CONSTRAINTS' 
_pdbx_nmr_refine.software_ordinal   1 
# 
loop_
_pdbx_nmr_software.classification 
_pdbx_nmr_software.name 
_pdbx_nmr_software.version 
_pdbx_nmr_software.authors 
_pdbx_nmr_software.ordinal 
collection           VNMR   6.1 'VARIAN INC.'  1 
'structure solution' X-PLOR 3.1 'BRUNGER A.T.' 2 
refinement           X-PLOR 3.1 'BRUNGER A.T.' 3 
# 
loop_
_chem_comp_atom.comp_id 
_chem_comp_atom.atom_id 
_chem_comp_atom.type_symbol 
_chem_comp_atom.pdbx_aromatic_flag 
_chem_comp_atom.pdbx_stereo_config 
_chem_comp_atom.pdbx_ordinal 
ALA N    N N N 1   
ALA CA   C N S 2   
ALA C    C N N 3   
ALA O    O N N 4   
ALA CB   C N N 5   
ALA OXT  O N N 6   
ALA H    H N N 7   
ALA H2   H N N 8   
ALA HA   H N N 9   
ALA HB1  H N N 10  
ALA HB2  H N N 11  
ALA HB3  H N N 12  
ALA HXT  H N N 13  
GLN N    N N N 14  
GLN CA   C N S 15  
GLN C    C N N 16  
GLN O    O N N 17  
GLN CB   C N N 18  
GLN CG   C N N 19  
GLN CD   C N N 20  
GLN OE1  O N N 21  
GLN NE2  N N N 22  
GLN OXT  O N N 23  
GLN H    H N N 24  
GLN H2   H N N 25  
GLN HA   H N N 26  
GLN HB2  H N N 27  
GLN HB3  H N N 28  
GLN HG2  H N N 29  
GLN HG3  H N N 30  
GLN HE21 H N N 31  
GLN HE22 H N N 32  
GLN HXT  H N N 33  
GLU N    N N N 34  
GLU CA   C N S 35  
GLU C    C N N 36  
GLU O    O N N 37  
GLU CB   C N N 38  
GLU CG   C N N 39  
GLU CD   C N N 40  
GLU OE1  O N N 41  
GLU OE2  O N N 42  
GLU OXT  O N N 43  
GLU H    H N N 44  
GLU H2   H N N 45  
GLU HA   H N N 46  
GLU HB2  H N N 47  
GLU HB3  H N N 48  
GLU HG2  H N N 49  
GLU HG3  H N N 50  
GLU HE2  H N N 51  
GLU HXT  H N N 52  
ILE N    N N N 53  
ILE CA   C N S 54  
ILE C    C N N 55  
ILE O    O N N 56  
ILE CB   C N S 57  
ILE CG1  C N N 58  
ILE CG2  C N N 59  
ILE CD1  C N N 60  
ILE OXT  O N N 61  
ILE H    H N N 62  
ILE H2   H N N 63  
ILE HA   H N N 64  
ILE HB   H N N 65  
ILE HG12 H N N 66  
ILE HG13 H N N 67  
ILE HG21 H N N 68  
ILE HG22 H N N 69  
ILE HG23 H N N 70  
ILE HD11 H N N 71  
ILE HD12 H N N 72  
ILE HD13 H N N 73  
ILE HXT  H N N 74  
LEU N    N N N 75  
LEU CA   C N S 76  
LEU C    C N N 77  
LEU O    O N N 78  
LEU CB   C N N 79  
LEU CG   C N N 80  
LEU CD1  C N N 81  
LEU CD2  C N N 82  
LEU OXT  O N N 83  
LEU H    H N N 84  
LEU H2   H N N 85  
LEU HA   H N N 86  
LEU HB2  H N N 87  
LEU HB3  H N N 88  
LEU HG   H N N 89  
LEU HD11 H N N 90  
LEU HD12 H N N 91  
LEU HD13 H N N 92  
LEU HD21 H N N 93  
LEU HD22 H N N 94  
LEU HD23 H N N 95  
LEU HXT  H N N 96  
LYS N    N N N 97  
LYS CA   C N S 98  
LYS C    C N N 99  
LYS O    O N N 100 
LYS CB   C N N 101 
LYS CG   C N N 102 
LYS CD   C N N 103 
LYS CE   C N N 104 
LYS NZ   N N N 105 
LYS OXT  O N N 106 
LYS H    H N N 107 
LYS H2   H N N 108 
LYS HA   H N N 109 
LYS HB2  H N N 110 
LYS HB3  H N N 111 
LYS HG2  H N N 112 
LYS HG3  H N N 113 
LYS HD2  H N N 114 
LYS HD3  H N N 115 
LYS HE2  H N N 116 
LYS HE3  H N N 117 
LYS HZ1  H N N 118 
LYS HZ2  H N N 119 
LYS HZ3  H N N 120 
LYS HXT  H N N 121 
PRO N    N N N 122 
PRO CA   C N S 123 
PRO C    C N N 124 
PRO O    O N N 125 
PRO CB   C N N 126 
PRO CG   C N N 127 
PRO CD   C N N 128 
PRO OXT  O N N 129 
PRO H    H N N 130 
PRO HA   H N N 131 
PRO HB2  H N N 132 
PRO HB3  H N N 133 
PRO HG2  H N N 134 
PRO HG3  H N N 135 
PRO HD2  H N N 136 
PRO HD3  H N N 137 
PRO HXT  H N N 138 
SER N    N N N 139 
SER CA   C N S 140 
SER C    C N N 141 
SER O    O N N 142 
SER CB   C N N 143 
SER OG   O N N 144 
SER OXT  O N N 145 
SER H    H N N 146 
SER H2   H N N 147 
SER HA   H N N 148 
SER HB2  H N N 149 
SER HB3  H N N 150 
SER HG   H N N 151 
SER HXT  H N N 152 
TYR N    N N N 153 
TYR CA   C N S 154 
TYR C    C N N 155 
TYR O    O N N 156 
TYR CB   C N N 157 
TYR CG   C Y N 158 
TYR CD1  C Y N 159 
TYR CD2  C Y N 160 
TYR CE1  C Y N 161 
TYR CE2  C Y N 162 
TYR CZ   C Y N 163 
TYR OH   O N N 164 
TYR OXT  O N N 165 
TYR H    H N N 166 
TYR H2   H N N 167 
TYR HA   H N N 168 
TYR HB2  H N N 169 
TYR HB3  H N N 170 
TYR HD1  H N N 171 
TYR HD2  H N N 172 
TYR HE1  H N N 173 
TYR HE2  H N N 174 
TYR HH   H N N 175 
TYR HXT  H N N 176 
# 
loop_
_chem_comp_bond.comp_id 
_chem_comp_bond.atom_id_1 
_chem_comp_bond.atom_id_2 
_chem_comp_bond.value_order 
_chem_comp_bond.pdbx_aromatic_flag 
_chem_comp_bond.pdbx_stereo_config 
_chem_comp_bond.pdbx_ordinal 
ALA N   CA   sing N N 1   
ALA N   H    sing N N 2   
ALA N   H2   sing N N 3   
ALA CA  C    sing N N 4   
ALA CA  CB   sing N N 5   
ALA CA  HA   sing N N 6   
ALA C   O    doub N N 7   
ALA C   OXT  sing N N 8   
ALA CB  HB1  sing N N 9   
ALA CB  HB2  sing N N 10  
ALA CB  HB3  sing N N 11  
ALA OXT HXT  sing N N 12  
GLN N   CA   sing N N 13  
GLN N   H    sing N N 14  
GLN N   H2   sing N N 15  
GLN CA  C    sing N N 16  
GLN CA  CB   sing N N 17  
GLN CA  HA   sing N N 18  
GLN C   O    doub N N 19  
GLN C   OXT  sing N N 20  
GLN CB  CG   sing N N 21  
GLN CB  HB2  sing N N 22  
GLN CB  HB3  sing N N 23  
GLN CG  CD   sing N N 24  
GLN CG  HG2  sing N N 25  
GLN CG  HG3  sing N N 26  
GLN CD  OE1  doub N N 27  
GLN CD  NE2  sing N N 28  
GLN NE2 HE21 sing N N 29  
GLN NE2 HE22 sing N N 30  
GLN OXT HXT  sing N N 31  
GLU N   CA   sing N N 32  
GLU N   H    sing N N 33  
GLU N   H2   sing N N 34  
GLU CA  C    sing N N 35  
GLU CA  CB   sing N N 36  
GLU CA  HA   sing N N 37  
GLU C   O    doub N N 38  
GLU C   OXT  sing N N 39  
GLU CB  CG   sing N N 40  
GLU CB  HB2  sing N N 41  
GLU CB  HB3  sing N N 42  
GLU CG  CD   sing N N 43  
GLU CG  HG2  sing N N 44  
GLU CG  HG3  sing N N 45  
GLU CD  OE1  doub N N 46  
GLU CD  OE2  sing N N 47  
GLU OE2 HE2  sing N N 48  
GLU OXT HXT  sing N N 49  
ILE N   CA   sing N N 50  
ILE N   H    sing N N 51  
ILE N   H2   sing N N 52  
ILE CA  C    sing N N 53  
ILE CA  CB   sing N N 54  
ILE CA  HA   sing N N 55  
ILE C   O    doub N N 56  
ILE C   OXT  sing N N 57  
ILE CB  CG1  sing N N 58  
ILE CB  CG2  sing N N 59  
ILE CB  HB   sing N N 60  
ILE CG1 CD1  sing N N 61  
ILE CG1 HG12 sing N N 62  
ILE CG1 HG13 sing N N 63  
ILE CG2 HG21 sing N N 64  
ILE CG2 HG22 sing N N 65  
ILE CG2 HG23 sing N N 66  
ILE CD1 HD11 sing N N 67  
ILE CD1 HD12 sing N N 68  
ILE CD1 HD13 sing N N 69  
ILE OXT HXT  sing N N 70  
LEU N   CA   sing N N 71  
LEU N   H    sing N N 72  
LEU N   H2   sing N N 73  
LEU CA  C    sing N N 74  
LEU CA  CB   sing N N 75  
LEU CA  HA   sing N N 76  
LEU C   O    doub N N 77  
LEU C   OXT  sing N N 78  
LEU CB  CG   sing N N 79  
LEU CB  HB2  sing N N 80  
LEU CB  HB3  sing N N 81  
LEU CG  CD1  sing N N 82  
LEU CG  CD2  sing N N 83  
LEU CG  HG   sing N N 84  
LEU CD1 HD11 sing N N 85  
LEU CD1 HD12 sing N N 86  
LEU CD1 HD13 sing N N 87  
LEU CD2 HD21 sing N N 88  
LEU CD2 HD22 sing N N 89  
LEU CD2 HD23 sing N N 90  
LEU OXT HXT  sing N N 91  
LYS N   CA   sing N N 92  
LYS N   H    sing N N 93  
LYS N   H2   sing N N 94  
LYS CA  C    sing N N 95  
LYS CA  CB   sing N N 96  
LYS CA  HA   sing N N 97  
LYS C   O    doub N N 98  
LYS C   OXT  sing N N 99  
LYS CB  CG   sing N N 100 
LYS CB  HB2  sing N N 101 
LYS CB  HB3  sing N N 102 
LYS CG  CD   sing N N 103 
LYS CG  HG2  sing N N 104 
LYS CG  HG3  sing N N 105 
LYS CD  CE   sing N N 106 
LYS CD  HD2  sing N N 107 
LYS CD  HD3  sing N N 108 
LYS CE  NZ   sing N N 109 
LYS CE  HE2  sing N N 110 
LYS CE  HE3  sing N N 111 
LYS NZ  HZ1  sing N N 112 
LYS NZ  HZ2  sing N N 113 
LYS NZ  HZ3  sing N N 114 
LYS OXT HXT  sing N N 115 
PRO N   CA   sing N N 116 
PRO N   CD   sing N N 117 
PRO N   H    sing N N 118 
PRO CA  C    sing N N 119 
PRO CA  CB   sing N N 120 
PRO CA  HA   sing N N 121 
PRO C   O    doub N N 122 
PRO C   OXT  sing N N 123 
PRO CB  CG   sing N N 124 
PRO CB  HB2  sing N N 125 
PRO CB  HB3  sing N N 126 
PRO CG  CD   sing N N 127 
PRO CG  HG2  sing N N 128 
PRO CG  HG3  sing N N 129 
PRO CD  HD2  sing N N 130 
PRO CD  HD3  sing N N 131 
PRO OXT HXT  sing N N 132 
SER N   CA   sing N N 133 
SER N   H    sing N N 134 
SER N   H2   sing N N 135 
SER CA  C    sing N N 136 
SER CA  CB   sing N N 137 
SER CA  HA   sing N N 138 
SER C   O    doub N N 139 
SER C   OXT  sing N N 140 
SER CB  OG   sing N N 141 
SER CB  HB2  sing N N 142 
SER CB  HB3  sing N N 143 
SER OG  HG   sing N N 144 
SER OXT HXT  sing N N 145 
TYR N   CA   sing N N 146 
TYR N   H    sing N N 147 
TYR N   H2   sing N N 148 
TYR CA  C    sing N N 149 
TYR CA  CB   sing N N 150 
TYR CA  HA   sing N N 151 
TYR C   O    doub N N 152 
TYR C   OXT  sing N N 153 
TYR CB  CG   sing N N 154 
TYR CB  HB2  sing N N 155 
TYR CB  HB3  sing N N 156 
TYR CG  CD1  doub Y N 157 
TYR CG  CD2  sing Y N 158 
TYR CD1 CE1  sing Y N 159 
TYR CD1 HD1  sing N N 160 
TYR CD2 CE2  doub Y N 161 
TYR CD2 HD2  sing N N 162 
TYR CE1 CZ   doub Y N 163 
TYR CE1 HE1  sing N N 164 
TYR CE2 CZ   sing Y N 165 
TYR CE2 HE2  sing N N 166 
TYR CZ  OH   sing N N 167 
TYR OH  HH   sing N N 168 
TYR OXT HXT  sing N N 169 
# 
_pdbx_nmr_spectrometer.spectrometer_id   1 
_pdbx_nmr_spectrometer.model             UNITYPLUS 
_pdbx_nmr_spectrometer.manufacturer      Varian 
_pdbx_nmr_spectrometer.field_strength    500 
_pdbx_nmr_spectrometer.type              ? 
# 
_atom_sites.entry_id                    1DNG 
_atom_sites.fract_transf_matrix[1][1]   1.000000 
_atom_sites.fract_transf_matrix[1][2]   0.000000 
_atom_sites.fract_transf_matrix[1][3]   0.000000 
_atom_sites.fract_transf_matrix[2][1]   0.000000 
_atom_sites.fract_transf_matrix[2][2]   1.000000 
_atom_sites.fract_transf_matrix[2][3]   0.000000 
_atom_sites.fract_transf_matrix[3][1]   0.000000 
_atom_sites.fract_transf_matrix[3][2]   0.000000 
_atom_sites.fract_transf_matrix[3][3]   1.000000 
_atom_sites.fract_transf_vector[1]      0.00000 
_atom_sites.fract_transf_vector[2]      0.00000 
_atom_sites.fract_transf_vector[3]      0.00000 
# 
loop_
_atom_type.symbol 
C 
H 
N 
O 
# 
loop_
_atom_site.group_PDB 
_atom_site.id 
_atom_site.type_symbol 
_atom_site.label_atom_id 
_atom_site.label_alt_id 
_atom_site.label_comp_id 
_atom_site.label_asym_id 
_atom_site.label_entity_id 
_atom_site.label_seq_id 
_atom_site.pdbx_PDB_ins_code 
_atom_site.Cartn_x 
_atom_site.Cartn_y 
_atom_site.Cartn_z 
_atom_site.occupancy 
_atom_site.B_iso_or_equiv 
_atom_site.pdbx_formal_charge 
_atom_site.auth_seq_id 
_atom_site.auth_comp_id 
_atom_site.auth_asym_id 
_atom_site.auth_atom_id 
_atom_site.pdbx_PDB_model_num 
ATOM 1   N N    . GLN A 1 1  ? 2.739  -9.851  -7.969  1.00 3.05 ? 1  GLN A N    1 
ATOM 2   C CA   . GLN A 1 1  ? 2.909  -8.495  -8.579  1.00 2.47 ? 1  GLN A CA   1 
ATOM 3   C C    . GLN A 1 1  ? 2.350  -7.415  -7.642  1.00 1.89 ? 1  GLN A C    1 
ATOM 4   O O    . GLN A 1 1  ? 1.685  -7.713  -6.668  1.00 2.39 ? 1  GLN A O    1 
ATOM 5   C CB   . GLN A 1 1  ? 2.112  -8.536  -9.886  1.00 3.22 ? 1  GLN A CB   1 
ATOM 6   C CG   . GLN A 1 1  ? 3.037  -8.935  -11.040 1.00 3.81 ? 1  GLN A CG   1 
ATOM 7   C CD   . GLN A 1 1  ? 2.198  -9.336  -12.256 1.00 4.75 ? 1  GLN A CD   1 
ATOM 8   O OE1  . GLN A 1 1  ? 1.840  -8.500  -13.061 1.00 5.18 ? 1  GLN A OE1  1 
ATOM 9   N NE2  . GLN A 1 1  ? 1.864  -10.586 -12.423 1.00 5.44 ? 1  GLN A NE2  1 
ATOM 10  H H1   . GLN A 1 1  ? 3.353  -9.935  -7.134  1.00 3.39 ? 1  GLN A H1   1 
ATOM 11  H H2   . GLN A 1 1  ? 2.998  -10.580 -8.665  1.00 3.45 ? 1  GLN A H2   1 
ATOM 12  H H3   . GLN A 1 1  ? 1.748  -9.980  -7.681  1.00 3.34 ? 1  GLN A H3   1 
ATOM 13  H HA   . GLN A 1 1  ? 3.950  -8.306  -8.788  1.00 2.68 ? 1  GLN A HA   1 
ATOM 14  H HB2  . GLN A 1 1  ? 1.312  -9.258  -9.798  1.00 3.69 ? 1  GLN A HB2  1 
ATOM 15  H HB3  . GLN A 1 1  ? 1.694  -7.560  -10.085 1.00 3.50 ? 1  GLN A HB3  1 
ATOM 16  H HG2  . GLN A 1 1  ? 3.669  -8.098  -11.299 1.00 3.93 ? 1  GLN A HG2  1 
ATOM 17  H HG3  . GLN A 1 1  ? 3.650  -9.770  -10.738 1.00 4.00 ? 1  GLN A HG3  1 
ATOM 18  H HE21 . GLN A 1 1  ? 2.149  -11.262 -11.774 1.00 5.45 ? 1  GLN A HE21 1 
ATOM 19  H HE22 . GLN A 1 1  ? 1.326  -10.850 -13.199 1.00 6.15 ? 1  GLN A HE22 1 
ATOM 20  N N    . ALA A 1 2  ? 2.617  -6.165  -7.933  1.00 1.59 ? 2  ALA A N    1 
ATOM 21  C CA   . ALA A 1 2  ? 2.104  -5.060  -7.064  1.00 1.49 ? 2  ALA A CA   1 
ATOM 22  C C    . ALA A 1 2  ? 1.446  -3.970  -7.927  1.00 0.86 ? 2  ALA A C    1 
ATOM 23  O O    . ALA A 1 2  ? 2.094  -3.021  -8.328  1.00 1.64 ? 2  ALA A O    1 
ATOM 24  C CB   . ALA A 1 2  ? 3.343  -4.520  -6.346  1.00 2.53 ? 2  ALA A CB   1 
ATOM 25  H H    . ALA A 1 2  ? 3.155  -5.952  -8.725  1.00 2.06 ? 2  ALA A H    1 
ATOM 26  H HA   . ALA A 1 2  ? 1.400  -5.445  -6.343  1.00 1.83 ? 2  ALA A HA   1 
ATOM 27  H HB1  . ALA A 1 2  ? 3.178  -4.539  -5.279  1.00 3.01 ? 2  ALA A HB1  1 
ATOM 28  H HB2  . ALA A 1 2  ? 3.532  -3.505  -6.663  1.00 2.97 ? 2  ALA A HB2  1 
ATOM 29  H HB3  . ALA A 1 2  ? 4.198  -5.135  -6.587  1.00 2.93 ? 2  ALA A HB3  1 
ATOM 30  N N    . PRO A 1 3  ? 0.174  -4.154  -8.197  1.00 0.84 ? 3  PRO A N    1 
ATOM 31  C CA   . PRO A 1 3  ? -0.581 -3.189  -9.031  1.00 1.61 ? 3  PRO A CA   1 
ATOM 32  C C    . PRO A 1 3  ? -1.106 -2.013  -8.191  1.00 1.48 ? 3  PRO A C    1 
ATOM 33  O O    . PRO A 1 3  ? -2.268 -1.971  -7.828  1.00 2.39 ? 3  PRO A O    1 
ATOM 34  C CB   . PRO A 1 3  ? -1.733 -4.026  -9.572  1.00 2.52 ? 3  PRO A CB   1 
ATOM 35  C CG   . PRO A 1 3  ? -1.932 -5.138  -8.583  1.00 2.50 ? 3  PRO A CG   1 
ATOM 36  C CD   . PRO A 1 3  ? -0.671 -5.273  -7.763  1.00 1.74 ? 3  PRO A CD   1 
ATOM 37  H HA   . PRO A 1 3  ? 0.028  -2.832  -9.843  1.00 2.12 ? 3  PRO A HA   1 
ATOM 38  H HB2  . PRO A 1 3  ? -2.628 -3.425  -9.651  1.00 3.01 ? 3  PRO A HB2  1 
ATOM 39  H HB3  . PRO A 1 3  ? -1.470 -4.434  -10.531 1.00 2.97 ? 3  PRO A HB3  1 
ATOM 40  H HG2  . PRO A 1 3  ? -2.767 -4.904  -7.936  1.00 2.77 ? 3  PRO A HG2  1 
ATOM 41  H HG3  . PRO A 1 3  ? -2.123 -6.062  -9.106  1.00 3.13 ? 3  PRO A HG3  1 
ATOM 42  H HD2  . PRO A 1 3  ? -0.899 -5.190  -6.710  1.00 2.04 ? 3  PRO A HD2  1 
ATOM 43  H HD3  . PRO A 1 3  ? -0.182 -6.211  -7.974  1.00 2.04 ? 3  PRO A HD3  1 
ATOM 44  N N    . ALA A 1 4  ? -0.253 -1.061  -7.888  1.00 0.81 ? 4  ALA A N    1 
ATOM 45  C CA   . ALA A 1 4  ? -0.678 0.128   -7.076  1.00 1.02 ? 4  ALA A CA   1 
ATOM 46  C C    . ALA A 1 4  ? -1.322 -0.303  -5.745  1.00 1.13 ? 4  ALA A C    1 
ATOM 47  O O    . ALA A 1 4  ? -2.050 0.455   -5.129  1.00 1.38 ? 4  ALA A O    1 
ATOM 48  C CB   . ALA A 1 4  ? -1.692 0.872   -7.951  1.00 1.52 ? 4  ALA A CB   1 
ATOM 49  H H    . ALA A 1 4  ? 0.675  -1.126  -8.200  1.00 1.02 ? 4  ALA A H    1 
ATOM 50  H HA   . ALA A 1 4  ? 0.171  0.765   -6.885  1.00 1.01 ? 4  ALA A HA   1 
ATOM 51  H HB1  . ALA A 1 4  ? -2.661 0.405   -7.857  1.00 1.84 ? 4  ALA A HB1  1 
ATOM 52  H HB2  . ALA A 1 4  ? -1.373 0.835   -8.983  1.00 2.05 ? 4  ALA A HB2  1 
ATOM 53  H HB3  . ALA A 1 4  ? -1.755 1.902   -7.632  1.00 1.90 ? 4  ALA A HB3  1 
ATOM 54  N N    . TYR A 1 5  ? -1.054 -1.504  -5.293  1.00 1.09 ? 5  TYR A N    1 
ATOM 55  C CA   . TYR A 1 5  ? -1.641 -1.974  -4.002  1.00 1.37 ? 5  TYR A CA   1 
ATOM 56  C C    . TYR A 1 5  ? -0.550 -2.019  -2.923  1.00 1.13 ? 5  TYR A C    1 
ATOM 57  O O    . TYR A 1 5  ? -0.815 -1.818  -1.753  1.00 1.17 ? 5  TYR A O    1 
ATOM 58  C CB   . TYR A 1 5  ? -2.230 -3.368  -4.309  1.00 1.81 ? 5  TYR A CB   1 
ATOM 59  C CG   . TYR A 1 5  ? -1.379 -4.473  -3.714  1.00 2.03 ? 5  TYR A CG   1 
ATOM 60  C CD1  . TYR A 1 5  ? -0.205 -4.882  -4.361  1.00 2.40 ? 5  TYR A CD1  1 
ATOM 61  C CD2  . TYR A 1 5  ? -1.770 -5.089  -2.519  1.00 2.54 ? 5  TYR A CD2  1 
ATOM 62  C CE1  . TYR A 1 5  ? 0.576  -5.906  -3.812  1.00 2.75 ? 5  TYR A CE1  1 
ATOM 63  C CE2  . TYR A 1 5  ? -0.989 -6.115  -1.972  1.00 2.91 ? 5  TYR A CE2  1 
ATOM 64  C CZ   . TYR A 1 5  ? 0.184  -6.522  -2.619  1.00 2.82 ? 5  TYR A CZ   1 
ATOM 65  O OH   . TYR A 1 5  ? 0.953  -7.534  -2.080  1.00 3.30 ? 5  TYR A OH   1 
ATOM 66  H H    . TYR A 1 5  ? -0.459 -2.095  -5.798  1.00 0.97 ? 5  TYR A H    1 
ATOM 67  H HA   . TYR A 1 5  ? -2.428 -1.307  -3.693  1.00 1.57 ? 5  TYR A HA   1 
ATOM 68  H HB2  . TYR A 1 5  ? -3.225 -3.430  -3.895  1.00 2.16 ? 5  TYR A HB2  1 
ATOM 69  H HB3  . TYR A 1 5  ? -2.286 -3.501  -5.380  1.00 1.80 ? 5  TYR A HB3  1 
ATOM 70  H HD1  . TYR A 1 5  ? 0.097  -4.406  -5.281  1.00 2.79 ? 5  TYR A HD1  1 
ATOM 71  H HD2  . TYR A 1 5  ? -2.675 -4.776  -2.020  1.00 2.99 ? 5  TYR A HD2  1 
ATOM 72  H HE1  . TYR A 1 5  ? 1.481  -6.220  -4.311  1.00 3.30 ? 5  TYR A HE1  1 
ATOM 73  H HE2  . TYR A 1 5  ? -1.291 -6.590  -1.051  1.00 3.55 ? 5  TYR A HE2  1 
ATOM 74  H HH   . TYR A 1 5  ? 1.406  -7.185  -1.308  1.00 3.52 ? 5  TYR A HH   1 
ATOM 75  N N    . GLU A 1 6  ? 0.675  -2.266  -3.314  1.00 1.06 ? 6  GLU A N    1 
ATOM 76  C CA   . GLU A 1 6  ? 1.787  -2.308  -2.311  1.00 1.19 ? 6  GLU A CA   1 
ATOM 77  C C    . GLU A 1 6  ? 1.998  -0.917  -1.699  1.00 0.91 ? 6  GLU A C    1 
ATOM 78  O O    . GLU A 1 6  ? 2.347  -0.787  -0.541  1.00 1.01 ? 6  GLU A O    1 
ATOM 79  C CB   . GLU A 1 6  ? 3.038  -2.773  -3.072  1.00 1.51 ? 6  GLU A CB   1 
ATOM 80  C CG   . GLU A 1 6  ? 3.239  -1.941  -4.345  1.00 1.81 ? 6  GLU A CG   1 
ATOM 81  C CD   . GLU A 1 6  ? 4.734  -1.717  -4.579  1.00 2.57 ? 6  GLU A CD   1 
ATOM 82  O OE1  . GLU A 1 6  ? 5.387  -2.638  -5.042  1.00 3.13 ? 6  GLU A OE1  1 
ATOM 83  O OE2  . GLU A 1 6  ? 5.197  -0.628  -4.290  1.00 3.07 ? 6  GLU A OE2  1 
ATOM 84  H H    . GLU A 1 6  ? 0.860  -2.415  -4.268  1.00 1.08 ? 6  GLU A H    1 
ATOM 85  H HA   . GLU A 1 6  ? 1.551  -3.014  -1.535  1.00 1.43 ? 6  GLU A HA   1 
ATOM 86  H HB2  . GLU A 1 6  ? 3.903  -2.661  -2.435  1.00 1.90 ? 6  GLU A HB2  1 
ATOM 87  H HB3  . GLU A 1 6  ? 2.927  -3.813  -3.341  1.00 1.92 ? 6  GLU A HB3  1 
ATOM 88  H HG2  . GLU A 1 6  ? 2.818  -2.466  -5.190  1.00 2.09 ? 6  GLU A HG2  1 
ATOM 89  H HG3  . GLU A 1 6  ? 2.750  -0.987  -4.238  1.00 1.99 ? 6  GLU A HG3  1 
ATOM 90  N N    . GLU A 1 7  ? 1.765  0.120   -2.463  1.00 0.74 ? 7  GLU A N    1 
ATOM 91  C CA   . GLU A 1 7  ? 1.928  1.505   -1.923  1.00 0.87 ? 7  GLU A CA   1 
ATOM 92  C C    . GLU A 1 7  ? 0.818  1.795   -0.908  1.00 0.69 ? 7  GLU A C    1 
ATOM 93  O O    . GLU A 1 7  ? 1.034  2.444   0.099   1.00 0.84 ? 7  GLU A O    1 
ATOM 94  C CB   . GLU A 1 7  ? 1.823  2.441   -3.137  1.00 1.14 ? 7  GLU A CB   1 
ATOM 95  C CG   . GLU A 1 7  ? 0.446  2.297   -3.807  1.00 1.41 ? 7  GLU A CG   1 
ATOM 96  C CD   . GLU A 1 7  ? 0.468  2.919   -5.208  1.00 1.96 ? 7  GLU A CD   1 
ATOM 97  O OE1  . GLU A 1 7  ? 1.476  2.790   -5.886  1.00 2.55 ? 7  GLU A OE1  1 
ATOM 98  O OE2  . GLU A 1 7  ? -0.531 3.508   -5.582  1.00 2.41 ? 7  GLU A OE2  1 
ATOM 99  H H    . GLU A 1 7  ? 1.467  -0.015  -3.383  1.00 0.73 ? 7  GLU A H    1 
ATOM 100 H HA   . GLU A 1 7  ? 2.891  1.610   -1.457  1.00 1.13 ? 7  GLU A HA   1 
ATOM 101 H HB2  . GLU A 1 7  ? 1.957  3.462   -2.811  1.00 1.64 ? 7  GLU A HB2  1 
ATOM 102 H HB3  . GLU A 1 7  ? 2.594  2.188   -3.849  1.00 1.44 ? 7  GLU A HB3  1 
ATOM 103 H HG2  . GLU A 1 7  ? 0.191  1.251   -3.885  1.00 1.78 ? 7  GLU A HG2  1 
ATOM 104 H HG3  . GLU A 1 7  ? -0.297 2.800   -3.206  1.00 1.77 ? 7  GLU A HG3  1 
ATOM 105 N N    . ALA A 1 8  ? -0.365 1.295   -1.165  1.00 0.61 ? 8  ALA A N    1 
ATOM 106 C CA   . ALA A 1 8  ? -1.499 1.512   -0.218  1.00 0.82 ? 8  ALA A CA   1 
ATOM 107 C C    . ALA A 1 8  ? -1.259 0.710   1.066   1.00 0.65 ? 8  ALA A C    1 
ATOM 108 O O    . ALA A 1 8  ? -1.719 1.083   2.125   1.00 0.73 ? 8  ALA A O    1 
ATOM 109 C CB   . ALA A 1 8  ? -2.743 1.004   -0.948  1.00 1.24 ? 8  ALA A CB   1 
ATOM 110 H H    . ALA A 1 8  ? -0.501 0.764   -1.975  1.00 0.62 ? 8  ALA A H    1 
ATOM 111 H HA   . ALA A 1 8  ? -1.605 2.561   0.008   1.00 1.01 ? 8  ALA A HA   1 
ATOM 112 H HB1  . ALA A 1 8  ? -3.616 1.185   -0.339  1.00 1.62 ? 8  ALA A HB1  1 
ATOM 113 H HB2  . ALA A 1 8  ? -2.645 -0.055  -1.132  1.00 1.77 ? 8  ALA A HB2  1 
ATOM 114 H HB3  . ALA A 1 8  ? -2.846 1.526   -1.888  1.00 1.66 ? 8  ALA A HB3  1 
ATOM 115 N N    . ALA A 1 9  ? -0.526 -0.379  0.981   1.00 0.73 ? 9  ALA A N    1 
ATOM 116 C CA   . ALA A 1 9  ? -0.240 -1.188  2.205   1.00 1.01 ? 9  ALA A CA   1 
ATOM 117 C C    . ALA A 1 9  ? 0.503  -0.317  3.225   1.00 0.82 ? 9  ALA A C    1 
ATOM 118 O O    . ALA A 1 9  ? 0.225  -0.359  4.410   1.00 0.90 ? 9  ALA A O    1 
ATOM 119 C CB   . ALA A 1 9  ? 0.648  -2.342  1.731   1.00 1.42 ? 9  ALA A CB   1 
ATOM 120 H H    . ALA A 1 9  ? -0.154 -0.653  0.115   1.00 0.79 ? 9  ALA A H    1 
ATOM 121 H HA   . ALA A 1 9  ? -1.155 -1.572  2.629   1.00 1.23 ? 9  ALA A HA   1 
ATOM 122 H HB1  . ALA A 1 9  ? 1.639  -1.970  1.517   1.00 1.92 ? 9  ALA A HB1  1 
ATOM 123 H HB2  . ALA A 1 9  ? 0.226  -2.777  0.836   1.00 1.86 ? 9  ALA A HB2  1 
ATOM 124 H HB3  . ALA A 1 9  ? 0.705  -3.094  2.505   1.00 1.67 ? 9  ALA A HB3  1 
ATOM 125 N N    . GLU A 1 10 ? 1.427  0.491   2.761   1.00 0.79 ? 10 GLU A N    1 
ATOM 126 C CA   . GLU A 1 10 ? 2.180  1.395   3.683   1.00 1.03 ? 10 GLU A CA   1 
ATOM 127 C C    . GLU A 1 10 ? 1.261  2.527   4.156   1.00 0.79 ? 10 GLU A C    1 
ATOM 128 O O    . GLU A 1 10 ? 1.328  2.955   5.290   1.00 0.93 ? 10 GLU A O    1 
ATOM 129 C CB   . GLU A 1 10 ? 3.331  1.965   2.849   1.00 1.41 ? 10 GLU A CB   1 
ATOM 130 C CG   . GLU A 1 10 ? 4.476  0.951   2.789   1.00 1.89 ? 10 GLU A CG   1 
ATOM 131 C CD   . GLU A 1 10 ? 5.282  1.162   1.504   1.00 2.17 ? 10 GLU A CD   1 
ATOM 132 O OE1  . GLU A 1 10 ? 4.861  0.660   0.474   1.00 2.70 ? 10 GLU A OE1  1 
ATOM 133 O OE2  . GLU A 1 10 ? 6.306  1.821   1.573   1.00 2.47 ? 10 GLU A OE2  1 
ATOM 134 H H    . GLU A 1 10 ? 1.613  0.515   1.798   1.00 0.79 ? 10 GLU A H    1 
ATOM 135 H HA   . GLU A 1 10 ? 2.567  0.843   4.525   1.00 1.27 ? 10 GLU A HA   1 
ATOM 136 H HB2  . GLU A 1 10 ? 2.982  2.174   1.847   1.00 1.80 ? 10 GLU A HB2  1 
ATOM 137 H HB3  . GLU A 1 10 ? 3.686  2.877   3.302   1.00 1.80 ? 10 GLU A HB3  1 
ATOM 138 H HG2  . GLU A 1 10 ? 5.120  1.087   3.644   1.00 2.38 ? 10 GLU A HG2  1 
ATOM 139 H HG3  . GLU A 1 10 ? 4.071  -0.049  2.798   1.00 2.30 ? 10 GLU A HG3  1 
ATOM 140 N N    . GLU A 1 11 ? 0.394  3.000   3.290   1.00 0.65 ? 11 GLU A N    1 
ATOM 141 C CA   . GLU A 1 11 ? -0.547 4.095   3.679   1.00 0.89 ? 11 GLU A CA   1 
ATOM 142 C C    . GLU A 1 11 ? -1.585 3.553   4.668   1.00 0.63 ? 11 GLU A C    1 
ATOM 143 O O    . GLU A 1 11 ? -2.027 4.250   5.561   1.00 0.77 ? 11 GLU A O    1 
ATOM 144 C CB   . GLU A 1 11 ? -1.215 4.527   2.368   1.00 1.28 ? 11 GLU A CB   1 
ATOM 145 C CG   . GLU A 1 11 ? -1.779 5.944   2.514   1.00 1.74 ? 11 GLU A CG   1 
ATOM 146 C CD   . GLU A 1 11 ? -0.699 6.970   2.155   1.00 2.29 ? 11 GLU A CD   1 
ATOM 147 O OE1  . GLU A 1 11 ? -0.616 7.332   0.993   1.00 2.95 ? 11 GLU A OE1  1 
ATOM 148 O OE2  . GLU A 1 11 ? 0.028  7.375   3.048   1.00 2.70 ? 11 GLU A OE2  1 
ATOM 149 H H    . GLU A 1 11 ? 0.353  2.622   2.388   1.00 0.61 ? 11 GLU A H    1 
ATOM 150 H HA   . GLU A 1 11 ? -0.007 4.922   4.111   1.00 1.17 ? 11 GLU A HA   1 
ATOM 151 H HB2  . GLU A 1 11 ? -0.485 4.510   1.572   1.00 1.67 ? 11 GLU A HB2  1 
ATOM 152 H HB3  . GLU A 1 11 ? -2.019 3.844   2.134   1.00 1.91 ? 11 GLU A HB3  1 
ATOM 153 H HG2  . GLU A 1 11 ? -2.623 6.062   1.850   1.00 2.18 ? 11 GLU A HG2  1 
ATOM 154 H HG3  . GLU A 1 11 ? -2.099 6.101   3.532   1.00 2.25 ? 11 GLU A HG3  1 
ATOM 155 N N    . LEU A 1 12 ? -1.962 2.306   4.513   1.00 0.56 ? 12 LEU A N    1 
ATOM 156 C CA   . LEU A 1 12 ? -2.959 1.688   5.437   1.00 0.88 ? 12 LEU A CA   1 
ATOM 157 C C    . LEU A 1 12 ? -2.382 1.611   6.853   1.00 0.73 ? 12 LEU A C    1 
ATOM 158 O O    . LEU A 1 12 ? -3.011 2.010   7.812   1.00 0.91 ? 12 LEU A O    1 
ATOM 159 C CB   . LEU A 1 12 ? -3.194 0.280   4.881   1.00 1.23 ? 12 LEU A CB   1 
ATOM 160 C CG   . LEU A 1 12 ? -4.211 0.334   3.739   1.00 1.62 ? 12 LEU A CG   1 
ATOM 161 C CD1  . LEU A 1 12 ? -4.425 -1.074  3.179   1.00 2.19 ? 12 LEU A CD1  1 
ATOM 162 C CD2  . LEU A 1 12 ? -5.545 0.881   4.261   1.00 2.30 ? 12 LEU A CD2  1 
ATOM 163 H H    . LEU A 1 12 ? -1.578 1.771   3.785   1.00 0.54 ? 12 LEU A H    1 
ATOM 164 H HA   . LEU A 1 12 ? -3.880 2.249   5.432   1.00 1.16 ? 12 LEU A HA   1 
ATOM 165 H HB2  . LEU A 1 12 ? -2.260 -0.117  4.510   1.00 1.51 ? 12 LEU A HB2  1 
ATOM 166 H HB3  . LEU A 1 12 ? -3.566 -0.356  5.665   1.00 1.79 ? 12 LEU A HB3  1 
ATOM 167 H HG   . LEU A 1 12 ? -3.835 0.978   2.959   1.00 1.94 ? 12 LEU A HG   1 
ATOM 168 H HD11 . LEU A 1 12 ? -4.945 -1.677  3.909   1.00 2.53 ? 12 LEU A HD11 1 
ATOM 169 H HD12 . LEU A 1 12 ? -3.467 -1.522  2.958   1.00 2.74 ? 12 LEU A HD12 1 
ATOM 170 H HD13 . LEU A 1 12 ? -5.013 -1.016  2.275   1.00 2.52 ? 12 LEU A HD13 1 
ATOM 171 H HD21 . LEU A 1 12 ? -5.711 0.528   5.267   1.00 2.74 ? 12 LEU A HD21 1 
ATOM 172 H HD22 . LEU A 1 12 ? -6.348 0.541   3.623   1.00 2.60 ? 12 LEU A HD22 1 
ATOM 173 H HD23 . LEU A 1 12 ? -5.517 1.961   4.257   1.00 2.80 ? 12 LEU A HD23 1 
ATOM 174 N N    . ALA A 1 13 ? -1.179 1.106   6.981   1.00 0.67 ? 13 ALA A N    1 
ATOM 175 C CA   . ALA A 1 13 ? -0.539 1.008   8.332   1.00 0.98 ? 13 ALA A CA   1 
ATOM 176 C C    . ALA A 1 13 ? -0.121 2.402   8.818   1.00 0.84 ? 13 ALA A C    1 
ATOM 177 O O    . ALA A 1 13 ? -0.112 2.679   10.002  1.00 1.05 ? 13 ALA A O    1 
ATOM 178 C CB   . ALA A 1 13 ? 0.692  0.125   8.125   1.00 1.36 ? 13 ALA A CB   1 
ATOM 179 H H    . ALA A 1 13 ? -0.694 0.800   6.185   1.00 0.64 ? 13 ALA A H    1 
ATOM 180 H HA   . ALA A 1 13 ? -1.212 0.547   9.037   1.00 1.22 ? 13 ALA A HA   1 
ATOM 181 H HB1  . ALA A 1 13 ? 1.366  0.604   7.431   1.00 1.74 ? 13 ALA A HB1  1 
ATOM 182 H HB2  . ALA A 1 13 ? 0.385  -0.831  7.727   1.00 1.58 ? 13 ALA A HB2  1 
ATOM 183 H HB3  . ALA A 1 13 ? 1.192  -0.022  9.071   1.00 1.92 ? 13 ALA A HB3  1 
ATOM 184 N N    . LYS A 1 14 ? 0.221  3.277   7.903   1.00 0.74 ? 14 LYS A N    1 
ATOM 185 C CA   . LYS A 1 14 ? 0.636  4.659   8.281   1.00 1.06 ? 14 LYS A CA   1 
ATOM 186 C C    . LYS A 1 14 ? -0.550 5.624   8.095   1.00 1.05 ? 14 LYS A C    1 
ATOM 187 O O    . LYS A 1 14 ? -0.461 6.613   7.393   1.00 1.53 ? 14 LYS A O    1 
ATOM 188 C CB   . LYS A 1 14 ? 1.783  4.982   7.313   1.00 1.45 ? 14 LYS A CB   1 
ATOM 189 C CG   . LYS A 1 14 ? 2.309  6.400   7.554   1.00 2.00 ? 14 LYS A CG   1 
ATOM 190 C CD   . LYS A 1 14 ? 2.155  7.221   6.269   1.00 2.62 ? 14 LYS A CD   1 
ATOM 191 C CE   . LYS A 1 14 ? 3.016  6.609   5.154   1.00 2.78 ? 14 LYS A CE   1 
ATOM 192 N NZ   . LYS A 1 14 ? 4.296  7.377   5.172   1.00 3.58 ? 14 LYS A NZ   1 
ATOM 193 H H    . LYS A 1 14 ? 0.201  3.022   6.956   1.00 0.64 ? 14 LYS A H    1 
ATOM 194 H HA   . LYS A 1 14 ? 0.991  4.684   9.299   1.00 1.25 ? 14 LYS A HA   1 
ATOM 195 H HB2  . LYS A 1 14 ? 2.585  4.274   7.462   1.00 1.81 ? 14 LYS A HB2  1 
ATOM 196 H HB3  . LYS A 1 14 ? 1.424  4.904   6.298   1.00 1.72 ? 14 LYS A HB3  1 
ATOM 197 H HG2  . LYS A 1 14 ? 1.745  6.865   8.351   1.00 2.43 ? 14 LYS A HG2  1 
ATOM 198 H HG3  . LYS A 1 14 ? 3.353  6.356   7.827   1.00 2.42 ? 14 LYS A HG3  1 
ATOM 199 H HD2  . LYS A 1 14 ? 1.117  7.215   5.966   1.00 3.07 ? 14 LYS A HD2  1 
ATOM 200 H HD3  . LYS A 1 14 ? 2.469  8.236   6.452   1.00 3.03 ? 14 LYS A HD3  1 
ATOM 201 H HE2  . LYS A 1 14 ? 3.202  5.562   5.357   1.00 2.86 ? 14 LYS A HE2  1 
ATOM 202 H HE3  . LYS A 1 14 ? 2.529  6.725   4.198   1.00 2.68 ? 14 LYS A HE3  1 
ATOM 203 H HZ1  . LYS A 1 14 ? 4.560  7.597   6.154   1.00 4.00 ? 14 LYS A HZ1  1 
ATOM 204 H HZ2  . LYS A 1 14 ? 4.177  8.261   4.635   1.00 3.99 ? 14 LYS A HZ2  1 
ATOM 205 H HZ3  . LYS A 1 14 ? 5.047  6.805   4.735   1.00 3.76 ? 14 LYS A HZ3  1 
ATOM 206 N N    . SER A 1 15 ? -1.663 5.334   8.721   1.00 0.86 ? 15 SER A N    1 
ATOM 207 C CA   . SER A 1 15 ? -2.859 6.225   8.588   1.00 1.22 ? 15 SER A CA   1 
ATOM 208 C C    . SER A 1 15 ? -3.330 6.702   9.969   1.00 1.64 ? 15 SER A C    1 
ATOM 209 O O    . SER A 1 15 ? -3.575 7.891   10.111  1.00 2.15 ? 15 SER A O    1 
ATOM 210 C CB   . SER A 1 15 ? -3.931 5.354   7.923   1.00 1.58 ? 15 SER A CB   1 
ATOM 211 O OG   . SER A 1 15 ? -4.166 5.824   6.599   1.00 2.27 ? 15 SER A OG   1 
ATOM 212 O OXT  . SER A 1 15 ? -3.441 5.873   10.860  1.00 2.22 ? 15 SER A OXT  1 
ATOM 213 H H    . SER A 1 15 ? -1.713 4.530   9.277   1.00 0.83 ? 15 SER A H    1 
ATOM 214 H HA   . SER A 1 15 ? -2.632 7.069   7.958   1.00 1.59 ? 15 SER A HA   1 
ATOM 215 H HB2  . SER A 1 15 ? -3.594 4.333   7.881   1.00 1.86 ? 15 SER A HB2  1 
ATOM 216 H HB3  . SER A 1 15 ? -4.844 5.405   8.501   1.00 1.97 ? 15 SER A HB3  1 
ATOM 217 H HG   . SER A 1 15 ? -3.477 5.467   6.031   1.00 2.68 ? 15 SER A HG   1 
# 
